data_4QVF
#
_entry.id   4QVF
#
_cell.length_a   107.540
_cell.length_b   47.950
_cell.length_c   34.180
_cell.angle_alpha   90.00
_cell.angle_beta   105.03
_cell.angle_gamma   90.00
#
_symmetry.space_group_name_H-M   'C 1 2 1'
#
loop_
_entity.id
_entity.type
_entity.pdbx_description
1 polymer 'Bcl-2-like protein 1'
2 polymer 'Peptide from Bcl-2-like protein 11'
3 water water
#
loop_
_entity_poly.entity_id
_entity_poly.type
_entity_poly.pdbx_seq_one_letter_code
_entity_poly.pdbx_strand_id
1 'polypeptide(L)'
;MSQSNRELVVDFLSYKLSQKGYSWSQFSDVEENRTEAPEGTESEAVKQALREAGDEFELRYRRAFSDLTSQLHITPGTAY
QSFEQVVNELFRDGVNWGRIVAFFSFGGALCVESVDKEMQVLVSRIAAWMATYLNDHLEPWIQENGGWDTFVELYGNNAA
AESRKGQER
;
A
2 'polypeptide(L)' DMRPEIWIAQELRRIGDEFNAYYARR B
#
# COMPACT_ATOMS: atom_id res chain seq x y z
N SER A 2 4.80 -5.21 -19.89
CA SER A 2 4.13 -5.58 -18.66
C SER A 2 3.82 -4.36 -17.78
N GLN A 3 3.44 -4.62 -16.53
CA GLN A 3 2.73 -3.63 -15.71
C GLN A 3 3.51 -2.38 -15.27
N SER A 4 3.01 -1.22 -15.67
CA SER A 4 3.49 0.06 -15.12
C SER A 4 3.15 0.14 -13.63
N ASN A 5 4.15 0.24 -12.79
CA ASN A 5 3.92 0.36 -11.36
C ASN A 5 3.21 1.67 -11.00
N ARG A 6 3.55 2.75 -11.71
CA ARG A 6 2.88 4.02 -11.53
C ARG A 6 1.38 3.88 -11.71
N GLU A 7 0.99 3.24 -12.80
CA GLU A 7 -0.40 2.96 -13.13
C GLU A 7 -1.10 2.18 -12.04
N LEU A 8 -0.42 1.17 -11.53
CA LEU A 8 -0.96 0.35 -10.45
C LEU A 8 -1.24 1.21 -9.21
N VAL A 9 -0.25 2.03 -8.85
CA VAL A 9 -0.38 2.87 -7.66
C VAL A 9 -1.55 3.83 -7.81
N VAL A 10 -1.62 4.52 -8.94
CA VAL A 10 -2.73 5.44 -9.18
C VAL A 10 -4.08 4.71 -9.13
N ASP A 11 -4.17 3.52 -9.71
CA ASP A 11 -5.41 2.77 -9.67
C ASP A 11 -5.82 2.42 -8.25
N PHE A 12 -4.87 1.91 -7.49
CA PHE A 12 -5.13 1.50 -6.12
C PHE A 12 -5.53 2.70 -5.26
N LEU A 13 -4.75 3.78 -5.33
CA LEU A 13 -5.02 4.96 -4.52
C LEU A 13 -6.34 5.61 -4.92
N SER A 14 -6.63 5.65 -6.23
CA SER A 14 -7.89 6.19 -6.70
C SER A 14 -9.06 5.43 -6.10
N TYR A 15 -8.92 4.11 -6.02
CA TYR A 15 -9.96 3.28 -5.43
C TYR A 15 -10.14 3.57 -3.94
N LYS A 16 -9.03 3.57 -3.20
CA LYS A 16 -9.11 3.77 -1.76
C LYS A 16 -9.59 5.17 -1.42
N LEU A 17 -9.24 6.16 -2.23
CA LEU A 17 -9.77 7.50 -2.01
C LEU A 17 -11.27 7.57 -2.25
N SER A 18 -11.74 6.89 -3.29
CA SER A 18 -13.17 6.85 -3.59
C SER A 18 -13.96 6.19 -2.44
N GLN A 19 -13.33 5.25 -1.73
CA GLN A 19 -14.00 4.59 -0.62
C GLN A 19 -14.20 5.55 0.55
N LYS A 20 -13.47 6.66 0.52
CA LYS A 20 -13.63 7.72 1.52
C LYS A 20 -14.35 8.95 0.96
N GLY A 21 -14.93 8.81 -0.23
CA GLY A 21 -15.69 9.89 -0.84
C GLY A 21 -14.89 10.93 -1.59
N TYR A 22 -13.64 10.60 -1.91
CA TYR A 22 -12.75 11.54 -2.58
C TYR A 22 -12.42 11.12 -4.01
N SER A 23 -12.19 12.13 -4.84
CA SER A 23 -11.81 11.90 -6.23
C SER A 23 -10.31 12.12 -6.39
N TRP A 24 -9.63 11.16 -7.02
CA TRP A 24 -8.21 11.28 -7.30
C TRP A 24 -7.88 12.61 -7.97
N SER A 25 -8.73 13.03 -8.90
CA SER A 25 -8.48 14.25 -9.67
C SER A 25 -8.43 15.52 -8.80
N GLN A 26 -8.96 15.44 -7.59
CA GLN A 26 -8.96 16.57 -6.67
C GLN A 26 -7.55 16.94 -6.23
N PHE A 27 -6.66 15.95 -6.20
CA PHE A 27 -5.37 16.13 -5.56
C PHE A 27 -4.23 15.88 -6.52
N SER A 28 -4.54 15.35 -7.68
CA SER A 28 -3.51 14.96 -8.62
C SER A 28 -3.96 15.21 -10.05
N ASP A 29 -3.02 15.62 -10.90
CA ASP A 29 -3.31 15.81 -12.31
C ASP A 29 -2.73 14.65 -13.11
N VAL A 30 -2.12 13.70 -12.41
CA VAL A 30 -1.61 12.48 -13.03
C VAL A 30 -2.74 11.72 -13.70
N ALA A 45 -6.51 -6.98 -15.15
CA ALA A 45 -6.67 -8.09 -14.21
C ALA A 45 -5.79 -7.91 -12.98
N VAL A 46 -4.59 -7.34 -13.19
CA VAL A 46 -3.69 -7.06 -12.08
C VAL A 46 -4.31 -6.01 -11.17
N LYS A 47 -4.78 -4.91 -11.77
CA LYS A 47 -5.42 -3.84 -11.01
C LYS A 47 -6.60 -4.37 -10.18
N GLN A 48 -7.44 -5.22 -10.78
CA GLN A 48 -8.59 -5.74 -10.05
C GLN A 48 -8.16 -6.65 -8.90
N ALA A 49 -7.22 -7.57 -9.17
CA ALA A 49 -6.70 -8.46 -8.14
C ALA A 49 -6.14 -7.64 -6.97
N LEU A 50 -5.41 -6.57 -7.28
CA LEU A 50 -4.84 -5.76 -6.22
C LEU A 50 -5.90 -5.02 -5.41
N ARG A 51 -6.91 -4.49 -6.08
CA ARG A 51 -8.01 -3.82 -5.38
C ARG A 51 -8.71 -4.77 -4.44
N GLU A 52 -9.02 -5.96 -4.93
CA GLU A 52 -9.72 -6.97 -4.15
C GLU A 52 -8.84 -7.45 -3.00
N ALA A 53 -7.56 -7.68 -3.30
CA ALA A 53 -6.61 -8.11 -2.27
C ALA A 53 -6.47 -7.03 -1.19
N GLY A 54 -6.44 -5.76 -1.60
CA GLY A 54 -6.41 -4.65 -0.66
C GLY A 54 -7.62 -4.67 0.26
N ASP A 55 -8.81 -4.83 -0.31
CA ASP A 55 -10.02 -4.95 0.52
C ASP A 55 -9.95 -6.12 1.51
N GLU A 56 -9.49 -7.28 1.05
CA GLU A 56 -9.36 -8.44 1.94
C GLU A 56 -8.32 -8.19 3.02
N PHE A 57 -7.19 -7.64 2.61
CA PHE A 57 -6.14 -7.31 3.56
C PHE A 57 -6.66 -6.43 4.68
N GLU A 58 -7.42 -5.41 4.30
CA GLU A 58 -7.91 -4.45 5.27
C GLU A 58 -8.98 -5.08 6.16
N LEU A 59 -9.76 -6.02 5.64
CA LEU A 59 -10.68 -6.79 6.48
C LEU A 59 -9.91 -7.61 7.53
N ARG A 60 -8.86 -8.30 7.08
CA ARG A 60 -8.03 -9.09 8.00
C ARG A 60 -7.36 -8.19 9.03
N TYR A 61 -6.93 -7.01 8.61
CA TYR A 61 -6.21 -6.10 9.48
C TYR A 61 -7.14 -5.62 10.61
N ARG A 62 -8.37 -5.24 10.25
CA ARG A 62 -9.27 -4.71 11.27
C ARG A 62 -9.91 -5.79 12.14
N ARG A 63 -9.88 -7.04 11.70
CA ARG A 63 -10.23 -8.15 12.60
C ARG A 63 -9.23 -8.29 13.76
N ALA A 64 -7.98 -7.89 13.53
CA ALA A 64 -6.90 -8.11 14.49
C ALA A 64 -6.48 -6.84 15.22
N PHE A 65 -6.43 -5.76 14.46
CA PHE A 65 -5.79 -4.54 14.92
C PHE A 65 -6.74 -3.40 14.65
N SER A 66 -6.26 -2.18 14.75
CA SER A 66 -7.10 -1.04 14.46
C SER A 66 -6.91 -0.66 12.99
N ASP A 67 -7.91 -0.06 12.36
CA ASP A 67 -7.76 0.44 10.99
C ASP A 67 -6.48 1.28 10.92
N LEU A 68 -5.71 1.09 9.84
CA LEU A 68 -4.45 1.80 9.63
C LEU A 68 -4.61 3.31 9.74
N THR A 69 -5.72 3.80 9.20
CA THR A 69 -6.01 5.23 9.21
C THR A 69 -6.13 5.78 10.62
N SER A 70 -6.39 4.90 11.58
CA SER A 70 -6.51 5.31 12.97
C SER A 70 -5.15 5.31 13.68
N GLN A 71 -4.23 4.49 13.16
CA GLN A 71 -2.94 4.28 13.81
C GLN A 71 -1.86 5.30 13.42
N LEU A 72 -2.02 5.94 12.27
CA LEU A 72 -0.98 6.81 11.74
C LEU A 72 -0.89 8.19 12.40
N HIS A 73 0.32 8.74 12.45
CA HIS A 73 0.57 10.07 13.01
C HIS A 73 1.30 10.96 11.99
N ILE A 74 0.54 11.65 11.15
CA ILE A 74 1.12 12.33 9.99
C ILE A 74 1.29 13.83 10.15
N THR A 75 2.44 14.32 9.68
CA THR A 75 2.71 15.75 9.50
C THR A 75 3.42 15.91 8.16
N PRO A 76 3.22 17.05 7.48
CA PRO A 76 3.86 17.23 6.18
C PRO A 76 5.38 17.17 6.26
N GLY A 77 5.93 17.68 7.37
CA GLY A 77 7.36 17.68 7.56
C GLY A 77 7.97 16.32 7.84
N THR A 78 7.16 15.38 8.33
CA THR A 78 7.68 14.06 8.67
C THR A 78 7.07 12.93 7.85
N ALA A 79 6.18 13.26 6.92
CA ALA A 79 5.46 12.24 6.14
C ALA A 79 6.38 11.33 5.35
N TYR A 80 7.36 11.90 4.68
CA TYR A 80 8.28 11.09 3.87
C TYR A 80 9.07 10.14 4.76
N GLN A 81 9.65 10.69 5.81
CA GLN A 81 10.42 9.91 6.76
C GLN A 81 9.56 8.82 7.39
N SER A 82 8.33 9.17 7.74
CA SER A 82 7.38 8.17 8.27
C SER A 82 7.12 7.05 7.25
N PHE A 83 6.82 7.43 6.02
CA PHE A 83 6.57 6.44 4.97
C PHE A 83 7.75 5.48 4.81
N GLU A 84 8.97 6.01 4.71
CA GLU A 84 10.13 5.16 4.45
C GLU A 84 10.43 4.25 5.65
N GLN A 85 10.24 4.75 6.87
CA GLN A 85 10.51 3.93 8.04
C GLN A 85 9.56 2.74 8.10
N VAL A 86 8.30 2.97 7.82
CA VAL A 86 7.32 1.88 7.83
C VAL A 86 7.64 0.86 6.76
N VAL A 87 7.89 1.34 5.54
CA VAL A 87 8.12 0.43 4.44
C VAL A 87 9.43 -0.36 4.62
N ASN A 88 10.46 0.28 5.16
CA ASN A 88 11.72 -0.42 5.40
C ASN A 88 11.59 -1.53 6.44
N GLU A 89 10.75 -1.32 7.44
CA GLU A 89 10.57 -2.35 8.45
C GLU A 89 9.67 -3.47 7.93
N LEU A 90 8.67 -3.10 7.13
CA LEU A 90 7.77 -4.08 6.51
C LEU A 90 8.55 -5.11 5.71
N PHE A 91 9.59 -4.66 5.01
CA PHE A 91 10.34 -5.55 4.13
C PHE A 91 11.72 -5.92 4.66
N ARG A 92 11.98 -5.60 5.93
CA ARG A 92 13.33 -5.78 6.50
C ARG A 92 13.85 -7.20 6.30
N ASP A 93 13.03 -8.20 6.58
CA ASP A 93 13.55 -9.56 6.49
C ASP A 93 12.95 -10.31 5.31
N GLY A 94 12.56 -9.55 4.29
CA GLY A 94 12.15 -10.15 3.04
C GLY A 94 10.89 -9.60 2.41
N VAL A 95 10.63 -10.10 1.20
CA VAL A 95 9.46 -9.71 0.43
C VAL A 95 8.59 -10.93 0.16
N ASN A 96 7.27 -10.75 0.22
CA ASN A 96 6.36 -11.74 -0.33
C ASN A 96 5.12 -10.98 -0.81
N TRP A 97 4.21 -11.66 -1.51
CA TRP A 97 3.06 -10.97 -2.11
C TRP A 97 2.18 -10.33 -1.06
N GLY A 98 2.02 -11.00 0.08
CA GLY A 98 1.19 -10.47 1.14
C GLY A 98 1.73 -9.16 1.67
N ARG A 99 3.05 -9.07 1.80
CA ARG A 99 3.68 -7.83 2.23
C ARG A 99 3.58 -6.73 1.17
N ILE A 100 3.60 -7.09 -0.11
CA ILE A 100 3.37 -6.08 -1.15
C ILE A 100 1.95 -5.57 -1.06
N VAL A 101 0.96 -6.45 -0.81
CA VAL A 101 -0.41 -5.98 -0.62
C VAL A 101 -0.48 -5.02 0.58
N ALA A 102 0.19 -5.39 1.67
CA ALA A 102 0.27 -4.52 2.86
C ALA A 102 0.83 -3.14 2.52
N PHE A 103 1.86 -3.13 1.67
CA PHE A 103 2.49 -1.90 1.21
C PHE A 103 1.47 -0.99 0.50
N PHE A 104 0.70 -1.56 -0.43
CA PHE A 104 -0.32 -0.76 -1.11
C PHE A 104 -1.37 -0.27 -0.12
N SER A 105 -1.81 -1.13 0.79
CA SER A 105 -2.83 -0.75 1.76
CA SER A 105 -2.83 -0.75 1.77
C SER A 105 -2.35 0.39 2.64
N PHE A 106 -1.07 0.33 3.05
CA PHE A 106 -0.49 1.37 3.89
C PHE A 106 -0.45 2.72 3.15
N GLY A 107 -0.04 2.71 1.90
CA GLY A 107 0.00 3.92 1.11
C GLY A 107 -1.40 4.51 0.95
N GLY A 108 -2.37 3.63 0.72
CA GLY A 108 -3.75 4.04 0.63
C GLY A 108 -4.25 4.70 1.90
N ALA A 109 -3.93 4.08 3.04
CA ALA A 109 -4.33 4.64 4.34
C ALA A 109 -3.66 5.99 4.57
N LEU A 110 -2.39 6.08 4.17
CA LEU A 110 -1.64 7.31 4.36
C LEU A 110 -2.23 8.46 3.53
N CYS A 111 -2.66 8.15 2.31
CA CYS A 111 -3.30 9.15 1.46
C CYS A 111 -4.62 9.64 2.00
N VAL A 112 -5.53 8.72 2.35
CA VAL A 112 -6.84 9.10 2.82
C VAL A 112 -6.71 9.88 4.14
N GLU A 113 -5.78 9.49 5.00
CA GLU A 113 -5.59 10.21 6.26
C GLU A 113 -5.02 11.61 6.01
N SER A 114 -4.12 11.71 5.04
CA SER A 114 -3.58 12.99 4.62
C SER A 114 -4.71 13.95 4.24
N VAL A 115 -5.64 13.48 3.42
CA VAL A 115 -6.77 14.30 2.99
C VAL A 115 -7.66 14.68 4.17
N ASP A 116 -7.96 13.72 5.03
CA ASP A 116 -8.78 13.97 6.22
C ASP A 116 -8.18 15.06 7.09
N LYS A 117 -6.85 15.06 7.18
CA LYS A 117 -6.15 15.97 8.07
C LYS A 117 -5.71 17.27 7.39
N GLU A 118 -6.31 17.55 6.24
CA GLU A 118 -6.10 18.78 5.49
C GLU A 118 -4.65 18.95 5.02
N MET A 119 -4.07 17.86 4.56
CA MET A 119 -2.73 17.86 4.01
C MET A 119 -2.75 17.18 2.63
N GLN A 120 -3.66 17.65 1.78
CA GLN A 120 -3.90 17.03 0.47
C GLN A 120 -2.67 17.04 -0.42
N VAL A 121 -1.79 18.02 -0.19
CA VAL A 121 -0.54 18.14 -0.92
C VAL A 121 0.25 16.82 -0.91
N LEU A 122 0.06 16.01 0.12
CA LEU A 122 0.83 14.78 0.25
C LEU A 122 0.36 13.63 -0.65
N VAL A 123 -0.88 13.70 -1.15
CA VAL A 123 -1.44 12.57 -1.92
C VAL A 123 -0.59 12.24 -3.15
N SER A 124 -0.33 13.23 -3.99
CA SER A 124 0.49 13.00 -5.19
C SER A 124 1.94 12.64 -4.83
N ARG A 125 2.44 13.15 -3.70
CA ARG A 125 3.78 12.80 -3.24
C ARG A 125 3.86 11.34 -2.79
N ILE A 126 2.90 10.92 -1.97
CA ILE A 126 2.86 9.54 -1.52
C ILE A 126 2.78 8.58 -2.73
N ALA A 127 1.99 8.94 -3.74
CA ALA A 127 1.87 8.08 -4.91
C ALA A 127 3.23 7.93 -5.58
N ALA A 128 3.96 9.04 -5.68
CA ALA A 128 5.32 8.99 -6.24
C ALA A 128 6.29 8.21 -5.35
N TRP A 129 6.23 8.40 -4.04
CA TRP A 129 7.08 7.61 -3.15
C TRP A 129 6.82 6.13 -3.33
N MET A 130 5.55 5.78 -3.51
CA MET A 130 5.16 4.39 -3.70
C MET A 130 5.68 3.84 -5.01
N ALA A 131 5.47 4.60 -6.08
CA ALA A 131 5.89 4.17 -7.41
C ALA A 131 7.40 3.96 -7.44
N THR A 132 8.15 4.87 -6.83
CA THR A 132 9.59 4.77 -6.88
C THR A 132 10.06 3.61 -6.01
N TYR A 133 9.42 3.36 -4.87
CA TYR A 133 9.84 2.24 -4.04
C TYR A 133 9.56 0.94 -4.78
N LEU A 134 8.41 0.87 -5.44
CA LEU A 134 8.11 -0.29 -6.29
C LEU A 134 9.16 -0.47 -7.38
N ASN A 135 9.41 0.58 -8.15
CA ASN A 135 10.35 0.48 -9.27
C ASN A 135 11.78 0.14 -8.86
N ASP A 136 12.21 0.64 -7.71
CA ASP A 136 13.61 0.48 -7.32
C ASP A 136 13.87 -0.67 -6.35
N HIS A 137 12.90 -0.98 -5.49
CA HIS A 137 13.15 -1.92 -4.42
C HIS A 137 12.28 -3.17 -4.44
N LEU A 138 11.15 -3.14 -5.14
CA LEU A 138 10.29 -4.31 -5.18
C LEU A 138 10.28 -4.96 -6.55
N GLU A 139 10.48 -4.17 -7.59
CA GLU A 139 10.45 -4.69 -8.97
C GLU A 139 11.42 -5.86 -9.23
N PRO A 140 12.67 -5.80 -8.72
CA PRO A 140 13.54 -6.97 -8.94
C PRO A 140 12.97 -8.25 -8.35
N TRP A 141 12.40 -8.19 -7.15
CA TRP A 141 11.77 -9.37 -6.55
C TRP A 141 10.57 -9.82 -7.39
N ILE A 142 9.72 -8.87 -7.77
CA ILE A 142 8.56 -9.18 -8.60
C ILE A 142 8.97 -9.90 -9.88
N GLN A 143 10.04 -9.42 -10.53
CA GLN A 143 10.55 -10.07 -11.73
C GLN A 143 11.03 -11.49 -11.45
N GLU A 144 11.71 -11.66 -10.34
CA GLU A 144 12.25 -12.95 -9.96
C GLU A 144 11.15 -13.92 -9.55
N ASN A 145 9.95 -13.40 -9.28
CA ASN A 145 8.85 -14.27 -8.87
C ASN A 145 7.75 -14.34 -9.92
N GLY A 146 8.11 -14.02 -11.16
CA GLY A 146 7.24 -14.29 -12.29
C GLY A 146 6.35 -13.15 -12.73
N GLY A 147 6.52 -12.00 -12.09
CA GLY A 147 5.77 -10.83 -12.46
C GLY A 147 4.40 -10.77 -11.82
N TRP A 148 3.66 -9.71 -12.13
CA TRP A 148 2.33 -9.53 -11.58
C TRP A 148 1.34 -10.60 -12.02
N ASP A 149 1.61 -11.29 -13.13
CA ASP A 149 0.74 -12.39 -13.53
C ASP A 149 0.69 -13.49 -12.48
N THR A 150 1.82 -13.69 -11.80
CA THR A 150 1.91 -14.68 -10.74
C THR A 150 0.97 -14.31 -9.58
N PHE A 151 0.94 -13.02 -9.24
CA PHE A 151 0.03 -12.52 -8.22
C PHE A 151 -1.44 -12.76 -8.61
N VAL A 152 -1.80 -12.43 -9.85
CA VAL A 152 -3.16 -12.65 -10.32
C VAL A 152 -3.55 -14.13 -10.21
N GLU A 153 -2.64 -15.02 -10.59
CA GLU A 153 -2.97 -16.44 -10.56
C GLU A 153 -3.09 -16.95 -9.12
N LEU A 154 -2.27 -16.41 -8.23
CA LEU A 154 -2.29 -16.84 -6.83
C LEU A 154 -3.55 -16.35 -6.13
N TYR A 155 -3.90 -15.09 -6.37
CA TYR A 155 -5.06 -14.50 -5.72
C TYR A 155 -6.37 -14.92 -6.38
N GLY A 156 -6.39 -14.91 -7.71
CA GLY A 156 -7.59 -15.28 -8.45
C GLY A 156 -8.40 -14.08 -8.90
N PRO B 4 5.17 5.72 16.03
CA PRO B 4 4.44 4.45 15.88
C PRO B 4 4.79 3.73 14.60
N GLU B 5 5.75 4.27 13.85
CA GLU B 5 6.09 3.72 12.55
C GLU B 5 6.46 2.24 12.63
N ILE B 6 7.27 1.86 13.61
CA ILE B 6 7.72 0.47 13.71
C ILE B 6 6.56 -0.45 14.11
N TRP B 7 5.72 0.04 15.01
CA TRP B 7 4.53 -0.70 15.44
C TRP B 7 3.58 -0.97 14.27
N ILE B 8 3.33 0.05 13.46
CA ILE B 8 2.48 -0.07 12.28
C ILE B 8 3.05 -1.09 11.30
N ALA B 9 4.34 -0.98 11.04
CA ALA B 9 4.97 -1.88 10.10
C ALA B 9 4.91 -3.33 10.58
N GLN B 10 5.07 -3.55 11.87
CA GLN B 10 4.99 -4.90 12.44
C GLN B 10 3.60 -5.50 12.31
N GLU B 11 2.57 -4.67 12.49
CA GLU B 11 1.20 -5.13 12.30
C GLU B 11 0.90 -5.42 10.82
N LEU B 12 1.36 -4.52 9.94
CA LEU B 12 1.23 -4.74 8.51
C LEU B 12 1.90 -6.05 8.08
N ARG B 13 3.07 -6.30 8.64
CA ARG B 13 3.86 -7.47 8.30
C ARG B 13 3.16 -8.75 8.75
N ARG B 14 2.63 -8.72 9.96
CA ARG B 14 1.95 -9.89 10.50
C ARG B 14 0.74 -10.26 9.64
N ILE B 15 -0.10 -9.28 9.32
CA ILE B 15 -1.26 -9.56 8.48
C ILE B 15 -0.82 -9.92 7.07
N GLY B 16 0.24 -9.26 6.58
CA GLY B 16 0.80 -9.59 5.28
C GLY B 16 1.23 -11.03 5.17
N ASP B 17 1.88 -11.54 6.21
CA ASP B 17 2.37 -12.91 6.20
C ASP B 17 1.22 -13.90 6.34
N GLU B 18 0.21 -13.52 7.13
CA GLU B 18 -1.01 -14.32 7.25
C GLU B 18 -1.72 -14.43 5.90
N PHE B 19 -1.84 -13.30 5.22
CA PHE B 19 -2.42 -13.21 3.89
C PHE B 19 -1.63 -14.10 2.93
N ASN B 20 -0.31 -13.96 2.97
CA ASN B 20 0.54 -14.70 2.06
C ASN B 20 0.43 -16.22 2.24
N ALA B 21 0.41 -16.66 3.49
CA ALA B 21 0.32 -18.09 3.79
C ALA B 21 -0.99 -18.68 3.29
N TYR B 22 -2.05 -17.87 3.30
CA TYR B 22 -3.36 -18.34 2.86
C TYR B 22 -3.40 -18.58 1.35
N TYR B 23 -2.70 -17.73 0.59
CA TYR B 23 -2.72 -17.84 -0.87
C TYR B 23 -1.45 -18.42 -1.46
N ALA B 24 -0.59 -18.96 -0.59
CA ALA B 24 0.69 -19.53 -1.01
C ALA B 24 0.54 -20.59 -2.10
#